data_4ES0
#
_entry.id   4ES0
#
_cell.length_a   78.254
_cell.length_b   98.272
_cell.length_c   79.879
_cell.angle_alpha   90.000
_cell.angle_beta   90.000
_cell.angle_gamma   90.000
#
_symmetry.space_group_name_H-M   'C 2 2 21'
#
loop_
_entity.id
_entity.type
_entity.pdbx_description
1 polymer 'WD repeat-containing protein 5'
2 polymer 'Histone-lysine N-methyltransferase SETD1B'
3 water water
#
loop_
_entity_poly.entity_id
_entity_poly.type
_entity_poly.pdbx_seq_one_letter_code
_entity_poly.pdbx_strand_id
1 'polypeptide(L)'
;ATQSKPTPVKPNYALKFTLAGHTKAVSSVKFSPNGEWLASSSADKLIKIWGAYDGKFEKTISGHKLGISDVAWSSDSNLL
VSASDDKTLKIWDVSSGKCLKTLKGHSNYVFCCNFNPQSNLIVSGSFDESVRIWDVKTGKCLKTLPAHSDPVSAVHFNRD
GSLIVSSSYDGLCRIWDTASGQCLKTLIDDDNPPVSFVKFSPNGKYILAATLDNTLKLWDYSKGKCLKTYTGHKNEKYCI
FANFSVTGGKWIVSGSEDNLVYIWNLQTKEIVQKLQGHTDVVISTACHPTENIIASAALENDKTIKLWKSDC
;
A
2 'polypeptide(L)' EHVTGCARSEGFYT C
#
# COMPACT_ATOMS: atom_id res chain seq x y z
N VAL A 9 -11.36 -17.90 -17.64
CA VAL A 9 -12.20 -17.55 -16.51
C VAL A 9 -11.93 -16.11 -16.07
N LYS A 10 -13.00 -15.40 -15.70
CA LYS A 10 -12.93 -13.98 -15.38
C LYS A 10 -13.82 -13.67 -14.18
N PRO A 11 -13.42 -12.69 -13.35
CA PRO A 11 -14.19 -12.39 -12.14
C PRO A 11 -15.39 -11.52 -12.48
N ASN A 12 -16.33 -11.40 -11.54
CA ASN A 12 -17.51 -10.57 -11.79
C ASN A 12 -17.74 -9.56 -10.68
N TYR A 13 -16.75 -8.70 -10.46
CA TYR A 13 -16.89 -7.66 -9.44
C TYR A 13 -17.98 -6.67 -9.76
N ALA A 14 -18.81 -6.40 -8.75
CA ALA A 14 -19.92 -5.49 -8.88
C ALA A 14 -19.94 -4.59 -7.67
N LEU A 15 -20.28 -3.33 -7.89
CA LEU A 15 -20.32 -2.35 -6.81
C LEU A 15 -21.37 -2.69 -5.76
N LYS A 16 -20.95 -2.83 -4.51
CA LYS A 16 -21.86 -3.17 -3.42
C LYS A 16 -22.09 -1.98 -2.48
N PHE A 17 -21.02 -1.25 -2.21
CA PHE A 17 -21.09 -0.13 -1.27
C PHE A 17 -20.14 1.02 -1.67
N THR A 18 -20.58 2.23 -1.37
CA THR A 18 -19.74 3.41 -1.52
C THR A 18 -19.64 4.06 -0.14
N LEU A 19 -18.41 4.33 0.29
CA LEU A 19 -18.16 4.76 1.67
C LEU A 19 -17.74 6.22 1.71
N ALA A 20 -18.64 7.08 2.20
CA ALA A 20 -18.38 8.52 2.29
C ALA A 20 -18.03 8.92 3.70
N GLY A 21 -17.12 9.89 3.84
CA GLY A 21 -16.80 10.41 5.16
C GLY A 21 -15.51 11.21 5.22
N HIS A 22 -14.50 10.79 4.46
CA HIS A 22 -13.26 11.56 4.42
C HIS A 22 -13.52 12.89 3.72
N THR A 23 -12.91 13.97 4.22
CA THR A 23 -13.17 15.30 3.67
C THR A 23 -12.11 15.79 2.69
N LYS A 24 -11.12 14.95 2.41
CA LYS A 24 -10.14 15.24 1.37
C LYS A 24 -9.82 13.93 0.70
N ALA A 25 -8.88 13.96 -0.24
CA ALA A 25 -8.47 12.75 -0.95
C ALA A 25 -8.20 11.59 0.00
N VAL A 26 -8.62 10.39 -0.39
CA VAL A 26 -8.30 9.20 0.41
C VAL A 26 -6.96 8.75 -0.11
N SER A 27 -6.09 8.26 0.76
CA SER A 27 -4.72 7.91 0.33
C SER A 27 -4.42 6.41 0.29
N SER A 28 -5.08 5.63 1.14
CA SER A 28 -4.85 4.18 1.12
C SER A 28 -6.00 3.45 1.80
N VAL A 29 -6.25 2.22 1.38
CA VAL A 29 -7.23 1.37 2.07
C VAL A 29 -6.61 -0.01 2.30
N LYS A 30 -6.90 -0.62 3.44
CA LYS A 30 -6.31 -1.92 3.77
C LYS A 30 -7.31 -2.73 4.58
N PHE A 31 -7.47 -4.00 4.22
CA PHE A 31 -8.35 -4.89 4.97
C PHE A 31 -7.59 -5.47 6.17
N SER A 32 -8.24 -5.56 7.33
CA SER A 32 -7.58 -6.22 8.47
C SER A 32 -7.37 -7.68 8.11
N PRO A 33 -6.25 -8.28 8.55
CA PRO A 33 -5.98 -9.68 8.29
C PRO A 33 -7.09 -10.63 8.75
N ASN A 34 -7.88 -10.24 9.75
CA ASN A 34 -8.98 -11.09 10.22
C ASN A 34 -10.26 -10.94 9.40
N GLY A 35 -10.22 -10.06 8.40
CA GLY A 35 -11.33 -9.89 7.47
C GLY A 35 -12.50 -9.07 7.98
N GLU A 36 -12.42 -8.59 9.22
CA GLU A 36 -13.55 -7.89 9.80
C GLU A 36 -13.64 -6.43 9.36
N TRP A 37 -12.50 -5.82 9.06
CA TRP A 37 -12.46 -4.36 8.91
C TRP A 37 -11.72 -3.84 7.69
N LEU A 38 -12.08 -2.62 7.28
CA LEU A 38 -11.31 -1.87 6.30
C LEU A 38 -10.81 -0.61 7.00
N ALA A 39 -9.52 -0.33 6.88
CA ALA A 39 -8.97 0.93 7.37
C ALA A 39 -8.63 1.82 6.18
N SER A 40 -8.92 3.11 6.31
CA SER A 40 -8.58 4.08 5.28
C SER A 40 -7.80 5.24 5.89
N SER A 41 -6.88 5.81 5.11
CA SER A 41 -6.14 6.97 5.56
C SER A 41 -6.42 8.08 4.57
N SER A 42 -6.20 9.33 4.95
CA SER A 42 -6.59 10.41 4.05
C SER A 42 -5.74 11.66 4.23
N ALA A 43 -5.67 12.47 3.19
CA ALA A 43 -5.12 13.81 3.29
C ALA A 43 -5.80 14.65 4.37
N ASP A 44 -6.98 14.24 4.82
CA ASP A 44 -7.71 14.99 5.85
C ASP A 44 -7.18 14.77 7.29
N LYS A 45 -6.01 14.13 7.40
CA LYS A 45 -5.31 13.79 8.65
C LYS A 45 -5.96 12.68 9.48
N LEU A 46 -6.94 11.99 8.92
CA LEU A 46 -7.70 11.02 9.71
C LEU A 46 -7.57 9.59 9.24
N ILE A 47 -7.75 8.66 10.16
CA ILE A 47 -7.95 7.26 9.81
C ILE A 47 -9.41 6.92 10.08
N LYS A 48 -10.05 6.24 9.14
CA LYS A 48 -11.41 5.76 9.39
C LYS A 48 -11.46 4.24 9.30
N ILE A 49 -12.29 3.65 10.15
CA ILE A 49 -12.48 2.20 10.21
C ILE A 49 -13.89 1.88 9.72
N TRP A 50 -14.02 0.89 8.84
CA TRP A 50 -15.31 0.55 8.25
C TRP A 50 -15.52 -0.96 8.30
N GLY A 51 -16.77 -1.40 8.38
CA GLY A 51 -17.06 -2.81 8.29
C GLY A 51 -16.70 -3.36 6.93
N ALA A 52 -15.98 -4.47 6.89
CA ALA A 52 -15.45 -5.01 5.64
C ALA A 52 -16.53 -5.62 4.75
N TYR A 53 -17.60 -6.12 5.36
CA TYR A 53 -18.64 -6.81 4.60
C TYR A 53 -19.84 -5.94 4.25
N ASP A 54 -20.13 -4.97 5.12
CA ASP A 54 -21.30 -4.13 4.95
C ASP A 54 -20.97 -2.67 4.66
N GLY A 55 -19.68 -2.32 4.74
CA GLY A 55 -19.23 -0.96 4.48
C GLY A 55 -19.67 0.05 5.54
N LYS A 56 -20.23 -0.44 6.63
CA LYS A 56 -20.77 0.48 7.62
C LYS A 56 -19.64 1.14 8.40
N PHE A 57 -19.70 2.47 8.50
CA PHE A 57 -18.69 3.25 9.21
C PHE A 57 -18.60 2.82 10.67
N GLU A 58 -17.38 2.62 11.17
CA GLU A 58 -17.20 2.20 12.55
C GLU A 58 -16.72 3.35 13.44
N LYS A 59 -15.53 3.87 13.17
CA LYS A 59 -14.98 4.96 13.98
C LYS A 59 -13.92 5.76 13.22
N THR A 60 -13.60 6.95 13.74
CA THR A 60 -12.49 7.74 13.23
C THR A 60 -11.36 7.71 14.25
N ILE A 61 -10.13 7.64 13.77
CA ILE A 61 -8.97 7.63 14.63
C ILE A 61 -8.13 8.85 14.25
N SER A 62 -7.87 9.73 15.20
CA SER A 62 -7.22 11.01 14.88
C SER A 62 -6.03 11.32 15.78
N GLY A 63 -5.20 12.25 15.32
CA GLY A 63 -4.00 12.62 16.08
C GLY A 63 -2.87 13.21 15.25
N HIS A 64 -2.79 12.82 13.97
CA HIS A 64 -1.76 13.35 13.09
C HIS A 64 -1.98 14.86 12.85
N LYS A 65 -0.90 15.60 12.64
CA LYS A 65 -0.98 17.04 12.47
C LYS A 65 -1.14 17.47 11.03
N LEU A 66 -0.78 16.58 10.10
CA LEU A 66 -0.95 16.82 8.68
C LEU A 66 -1.45 15.55 8.03
N GLY A 67 -1.69 15.61 6.71
CA GLY A 67 -2.26 14.49 6.00
C GLY A 67 -1.47 13.20 6.11
N ILE A 68 -2.18 12.09 5.96
CA ILE A 68 -1.61 10.75 6.05
C ILE A 68 -1.53 10.13 4.64
N SER A 69 -0.38 9.55 4.30
CA SER A 69 -0.21 8.92 2.98
C SER A 69 -0.41 7.41 2.99
N ASP A 70 -0.42 6.79 4.16
CA ASP A 70 -0.46 5.33 4.22
C ASP A 70 -0.85 4.84 5.61
N VAL A 71 -1.40 3.64 5.66
CA VAL A 71 -1.79 3.01 6.91
C VAL A 71 -1.69 1.49 6.71
N ALA A 72 -1.35 0.77 7.76
CA ALA A 72 -1.13 -0.68 7.66
C ALA A 72 -1.49 -1.40 8.94
N TRP A 73 -2.04 -2.61 8.81
CA TRP A 73 -2.49 -3.41 9.94
C TRP A 73 -1.39 -4.32 10.47
N SER A 74 -1.40 -4.57 11.78
CA SER A 74 -0.57 -5.62 12.35
C SER A 74 -1.21 -6.98 12.06
N SER A 75 -0.41 -8.05 12.18
CA SER A 75 -0.86 -9.39 11.80
C SER A 75 -2.11 -9.88 12.53
N ASP A 76 -2.27 -9.45 13.78
CA ASP A 76 -3.41 -9.86 14.60
C ASP A 76 -4.61 -8.90 14.53
N SER A 77 -4.56 -7.94 13.59
CA SER A 77 -5.65 -6.98 13.38
C SER A 77 -5.92 -6.06 14.57
N ASN A 78 -5.00 -5.99 15.52
CA ASN A 78 -5.18 -5.15 16.72
C ASN A 78 -4.58 -3.75 16.59
N LEU A 79 -3.55 -3.62 15.75
CA LEU A 79 -2.81 -2.37 15.62
C LEU A 79 -2.85 -1.81 14.21
N LEU A 80 -2.66 -0.49 14.09
CA LEU A 80 -2.47 0.14 12.80
C LEU A 80 -1.19 0.95 12.89
N VAL A 81 -0.52 1.13 11.76
CA VAL A 81 0.52 2.14 11.71
C VAL A 81 0.22 3.09 10.55
N SER A 82 0.42 4.39 10.78
CA SER A 82 0.13 5.41 9.76
C SER A 82 1.37 6.24 9.47
N ALA A 83 1.51 6.70 8.22
CA ALA A 83 2.67 7.50 7.81
C ALA A 83 2.17 8.86 7.33
N SER A 84 2.74 9.94 7.84
CA SER A 84 2.11 11.26 7.63
C SER A 84 3.11 12.31 7.15
N ASP A 85 2.61 13.36 6.51
CA ASP A 85 3.41 14.53 6.15
C ASP A 85 3.98 15.24 7.39
N ASP A 86 3.42 14.98 8.58
CA ASP A 86 3.94 15.61 9.80
C ASP A 86 5.29 15.01 10.23
N LYS A 87 5.80 14.13 9.38
CA LYS A 87 7.11 13.46 9.50
C LYS A 87 7.17 12.40 10.61
N THR A 88 6.01 11.96 11.08
CA THR A 88 5.95 10.90 12.08
C THR A 88 5.21 9.69 11.56
N LEU A 89 5.43 8.56 12.21
CA LEU A 89 4.50 7.45 12.13
C LEU A 89 3.79 7.39 13.47
N LYS A 90 2.58 6.84 13.49
CA LYS A 90 1.90 6.62 14.76
C LYS A 90 1.43 5.17 14.81
N ILE A 91 1.58 4.55 15.97
CA ILE A 91 1.08 3.19 16.16
C ILE A 91 -0.20 3.33 16.95
N TRP A 92 -1.28 2.72 16.47
CA TRP A 92 -2.58 2.87 17.09
C TRP A 92 -3.11 1.55 17.60
N ASP A 93 -3.76 1.58 18.76
CA ASP A 93 -4.56 0.44 19.19
C ASP A 93 -5.97 0.66 18.65
N VAL A 94 -6.37 -0.17 17.69
CA VAL A 94 -7.64 0.02 16.99
C VAL A 94 -8.86 0.00 17.90
N SER A 95 -8.90 -0.95 18.82
CA SER A 95 -10.06 -1.12 19.70
C SER A 95 -10.30 0.09 20.60
N SER A 96 -9.23 0.65 21.17
CA SER A 96 -9.36 1.81 22.05
C SER A 96 -9.22 3.15 21.31
N GLY A 97 -8.68 3.11 20.09
CA GLY A 97 -8.38 4.33 19.35
C GLY A 97 -7.15 5.09 19.84
N LYS A 98 -6.48 4.54 20.86
CA LYS A 98 -5.35 5.25 21.46
C LYS A 98 -4.11 5.25 20.56
N CYS A 99 -3.43 6.39 20.50
CA CYS A 99 -2.11 6.41 19.87
C CYS A 99 -1.10 5.86 20.87
N LEU A 100 -0.53 4.70 20.54
CA LEU A 100 0.36 4.02 21.48
C LEU A 100 1.74 4.64 21.48
N LYS A 101 2.22 4.97 20.28
CA LYS A 101 3.57 5.48 20.09
C LYS A 101 3.58 6.44 18.90
N THR A 102 4.35 7.52 19.02
CA THR A 102 4.62 8.36 17.84
C THR A 102 6.08 8.17 17.46
N LEU A 103 6.30 7.70 16.23
CA LEU A 103 7.66 7.37 15.77
C LEU A 103 8.31 8.57 15.12
N LYS A 104 9.31 9.14 15.78
CA LYS A 104 9.96 10.34 15.25
C LYS A 104 11.41 10.06 14.91
N GLY A 105 11.84 10.52 13.73
CA GLY A 105 13.18 10.26 13.26
C GLY A 105 13.37 10.67 11.81
N HIS A 106 12.34 10.53 11.00
CA HIS A 106 12.46 10.94 9.61
C HIS A 106 12.55 12.45 9.55
N SER A 107 13.26 12.96 8.56
CA SER A 107 13.50 14.40 8.44
C SER A 107 12.61 15.01 7.40
N ASN A 108 11.77 14.18 6.79
CA ASN A 108 10.81 14.65 5.81
C ASN A 108 9.58 13.76 5.84
N TYR A 109 8.59 14.07 4.99
CA TYR A 109 7.30 13.35 5.03
C TYR A 109 7.52 11.85 5.08
N VAL A 110 6.74 11.15 5.91
CA VAL A 110 6.73 9.69 5.85
C VAL A 110 5.67 9.26 4.85
N PHE A 111 6.06 8.41 3.90
CA PHE A 111 5.21 8.15 2.75
C PHE A 111 4.54 6.79 2.78
N CYS A 112 5.21 5.82 3.40
CA CYS A 112 4.76 4.44 3.30
C CYS A 112 5.14 3.68 4.55
N CYS A 113 4.40 2.62 4.88
CA CYS A 113 4.71 1.87 6.10
C CYS A 113 4.10 0.47 6.10
N ASN A 114 4.65 -0.40 6.94
CA ASN A 114 4.17 -1.77 7.09
C ASN A 114 4.73 -2.38 8.36
N PHE A 115 3.96 -3.30 8.96
CA PHE A 115 4.48 -4.17 10.02
C PHE A 115 5.16 -5.35 9.38
N ASN A 116 6.14 -5.95 10.05
CA ASN A 116 6.62 -7.27 9.62
C ASN A 116 5.58 -8.32 10.00
N PRO A 117 5.67 -9.53 9.43
CA PRO A 117 4.66 -10.55 9.74
C PRO A 117 4.52 -10.82 11.24
N GLN A 118 5.62 -10.73 11.97
CA GLN A 118 5.58 -10.89 13.43
C GLN A 118 5.00 -9.67 14.14
N SER A 119 4.92 -8.56 13.40
CA SER A 119 4.39 -7.31 13.92
C SER A 119 5.13 -6.81 15.17
N ASN A 120 6.38 -7.25 15.32
CA ASN A 120 7.25 -6.67 16.33
C ASN A 120 8.07 -5.53 15.74
N LEU A 121 8.06 -5.42 14.42
CA LEU A 121 8.78 -4.36 13.73
C LEU A 121 7.91 -3.58 12.76
N ILE A 122 8.26 -2.32 12.53
CA ILE A 122 7.62 -1.49 11.52
C ILE A 122 8.68 -0.98 10.57
N VAL A 123 8.39 -1.00 9.28
CA VAL A 123 9.29 -0.41 8.29
C VAL A 123 8.62 0.82 7.68
N SER A 124 9.41 1.86 7.43
CA SER A 124 8.86 3.11 6.95
C SER A 124 9.75 3.67 5.86
N GLY A 125 9.15 4.45 4.98
CA GLY A 125 9.92 5.07 3.91
C GLY A 125 9.50 6.51 3.81
N SER A 126 10.42 7.38 3.42
CA SER A 126 10.16 8.80 3.54
C SER A 126 10.72 9.62 2.39
N PHE A 127 10.26 10.87 2.30
CA PHE A 127 10.82 11.84 1.37
C PHE A 127 12.27 12.19 1.71
N ASP A 128 12.73 11.81 2.89
CA ASP A 128 14.12 12.05 3.26
C ASP A 128 15.07 11.02 2.64
N GLU A 129 14.50 10.18 1.76
CA GLU A 129 15.27 9.20 0.96
C GLU A 129 15.78 8.01 1.77
N SER A 130 15.29 7.84 3.01
CA SER A 130 15.71 6.70 3.83
C SER A 130 14.60 5.69 4.11
N VAL A 131 15.01 4.49 4.51
CA VAL A 131 14.11 3.49 5.07
C VAL A 131 14.45 3.31 6.54
N ARG A 132 13.47 3.41 7.43
CA ARG A 132 13.75 3.19 8.86
C ARG A 132 13.05 1.94 9.36
N ILE A 133 13.68 1.27 10.31
CA ILE A 133 13.11 0.07 10.92
C ILE A 133 12.90 0.34 12.40
N TRP A 134 11.67 0.17 12.88
CA TRP A 134 11.32 0.57 14.23
C TRP A 134 10.86 -0.61 15.08
N ASP A 135 11.20 -0.59 16.37
CA ASP A 135 10.64 -1.55 17.30
C ASP A 135 9.23 -1.13 17.70
N VAL A 136 8.25 -2.01 17.50
CA VAL A 136 6.86 -1.70 17.82
C VAL A 136 6.62 -1.43 19.31
N LYS A 137 7.25 -2.24 20.16
CA LYS A 137 7.00 -2.18 21.61
C LYS A 137 7.49 -0.90 22.27
N THR A 138 8.69 -0.47 21.88
CA THR A 138 9.35 0.69 22.48
C THR A 138 9.16 1.97 21.67
N GLY A 139 8.81 1.82 20.40
CA GLY A 139 8.73 2.98 19.52
C GLY A 139 10.09 3.48 19.06
N LYS A 140 11.15 2.74 19.39
CA LYS A 140 12.51 3.17 19.09
C LYS A 140 12.94 2.79 17.68
N CYS A 141 13.59 3.71 16.97
CA CYS A 141 14.17 3.39 15.67
C CYS A 141 15.40 2.50 15.84
N LEU A 142 15.39 1.34 15.18
CA LEU A 142 16.50 0.41 15.31
C LEU A 142 17.59 0.63 14.25
N LYS A 143 17.16 0.87 13.02
CA LYS A 143 18.09 1.16 11.93
C LYS A 143 17.58 2.24 11.00
N THR A 144 18.52 2.99 10.43
CA THR A 144 18.23 3.91 9.34
C THR A 144 19.04 3.47 8.13
N LEU A 145 18.34 3.09 7.06
CA LEU A 145 19.00 2.67 5.83
C LEU A 145 19.05 3.84 4.85
N PRO A 146 20.27 4.19 4.40
CA PRO A 146 20.43 5.22 3.36
C PRO A 146 20.08 4.59 2.01
N ALA A 147 18.79 4.33 1.86
CA ALA A 147 18.29 3.41 0.84
C ALA A 147 18.33 3.93 -0.59
N HIS A 148 18.00 5.19 -0.76
CA HIS A 148 17.73 5.72 -2.10
C HIS A 148 18.25 7.15 -2.24
N SER A 149 18.11 7.71 -3.43
CA SER A 149 18.55 9.08 -3.70
C SER A 149 17.37 9.93 -4.15
N ASP A 150 16.16 9.47 -3.80
CA ASP A 150 14.91 10.19 -4.04
C ASP A 150 13.88 9.66 -3.07
N PRO A 151 12.70 10.31 -2.98
CA PRO A 151 11.72 9.82 -1.99
C PRO A 151 11.40 8.33 -2.13
N VAL A 152 11.20 7.68 -0.99
CA VAL A 152 10.87 6.26 -0.93
C VAL A 152 9.36 6.07 -1.03
N SER A 153 8.91 5.35 -2.06
CA SER A 153 7.50 5.24 -2.36
C SER A 153 6.77 4.07 -1.68
N ALA A 154 7.51 3.03 -1.32
CA ALA A 154 6.91 1.83 -0.77
C ALA A 154 7.96 1.01 -0.02
N VAL A 155 7.51 0.30 1.02
CA VAL A 155 8.39 -0.57 1.80
C VAL A 155 7.57 -1.77 2.26
N HIS A 156 8.14 -2.97 2.21
CA HIS A 156 7.36 -4.16 2.51
C HIS A 156 8.25 -5.30 2.98
N PHE A 157 7.80 -6.04 4.00
CA PHE A 157 8.57 -7.20 4.48
C PHE A 157 8.15 -8.44 3.70
N ASN A 158 9.09 -9.37 3.50
CA ASN A 158 8.71 -10.65 2.91
C ASN A 158 8.06 -11.55 3.95
N ARG A 159 7.79 -12.80 3.59
CA ARG A 159 6.95 -13.67 4.41
C ARG A 159 7.43 -13.94 5.82
N ASP A 160 8.75 -14.07 5.99
CA ASP A 160 9.30 -14.37 7.31
C ASP A 160 9.93 -13.13 7.94
N GLY A 161 9.85 -12.02 7.23
CA GLY A 161 10.36 -10.76 7.72
C GLY A 161 11.88 -10.60 7.68
N SER A 162 12.57 -11.52 7.00
CA SER A 162 14.03 -11.43 6.93
C SER A 162 14.48 -10.39 5.90
N LEU A 163 13.59 -10.08 4.95
CA LEU A 163 13.89 -9.11 3.89
C LEU A 163 12.91 -7.94 3.87
N ILE A 164 13.41 -6.78 3.46
CA ILE A 164 12.58 -5.62 3.18
C ILE A 164 12.76 -5.25 1.72
N VAL A 165 11.67 -4.99 1.00
CA VAL A 165 11.79 -4.41 -0.33
C VAL A 165 11.37 -2.94 -0.28
N SER A 166 12.12 -2.09 -0.97
CA SER A 166 11.82 -0.66 -1.00
C SER A 166 11.79 -0.18 -2.44
N SER A 167 11.02 0.86 -2.71
CA SER A 167 11.02 1.44 -4.06
C SER A 167 11.17 2.94 -3.98
N SER A 168 11.57 3.56 -5.08
CA SER A 168 11.86 4.98 -5.02
C SER A 168 11.72 5.69 -6.34
N TYR A 169 11.43 6.99 -6.25
CA TYR A 169 11.43 7.85 -7.44
C TYR A 169 12.78 7.82 -8.16
N ASP A 170 13.84 7.36 -7.49
CA ASP A 170 15.15 7.21 -8.14
C ASP A 170 15.20 6.08 -9.19
N GLY A 171 14.08 5.37 -9.35
CA GLY A 171 13.96 4.33 -10.37
C GLY A 171 14.36 2.93 -9.92
N LEU A 172 14.73 2.79 -8.65
CA LEU A 172 15.22 1.51 -8.13
C LEU A 172 14.25 0.79 -7.18
N CYS A 173 14.27 -0.54 -7.22
CA CYS A 173 13.75 -1.37 -6.15
C CYS A 173 14.95 -1.98 -5.46
N ARG A 174 15.00 -1.92 -4.14
CA ARG A 174 16.12 -2.53 -3.43
C ARG A 174 15.63 -3.52 -2.39
N ILE A 175 16.41 -4.56 -2.16
CA ILE A 175 16.06 -5.57 -1.17
C ILE A 175 17.12 -5.55 -0.08
N TRP A 176 16.65 -5.46 1.15
CA TRP A 176 17.51 -5.22 2.30
C TRP A 176 17.40 -6.39 3.28
N ASP A 177 18.52 -6.77 3.88
CA ASP A 177 18.52 -7.75 4.96
C ASP A 177 18.08 -7.03 6.23
N THR A 178 16.97 -7.49 6.82
CA THR A 178 16.36 -6.78 7.95
C THR A 178 17.32 -6.68 9.12
N ALA A 179 17.96 -7.79 9.45
CA ALA A 179 18.88 -7.85 10.58
C ALA A 179 20.14 -6.99 10.40
N SER A 180 20.73 -7.04 9.22
CA SER A 180 22.03 -6.38 9.02
C SER A 180 21.94 -5.00 8.38
N GLY A 181 20.82 -4.69 7.73
CA GLY A 181 20.68 -3.44 7.02
C GLY A 181 21.41 -3.40 5.68
N GLN A 182 21.94 -4.54 5.26
CA GLN A 182 22.74 -4.61 4.04
C GLN A 182 21.87 -4.67 2.79
N CYS A 183 22.27 -3.93 1.75
CA CYS A 183 21.57 -3.99 0.46
C CYS A 183 21.94 -5.26 -0.30
N LEU A 184 20.98 -6.17 -0.41
CA LEU A 184 21.22 -7.47 -1.01
C LEU A 184 21.03 -7.49 -2.53
N LYS A 185 20.21 -6.58 -3.03
CA LYS A 185 19.90 -6.57 -4.47
C LYS A 185 19.33 -5.23 -4.89
N THR A 186 19.69 -4.81 -6.09
CA THR A 186 19.06 -3.65 -6.73
C THR A 186 18.44 -4.11 -8.04
N LEU A 187 17.15 -3.86 -8.21
CA LEU A 187 16.41 -4.28 -9.38
C LEU A 187 15.93 -3.09 -10.22
N ILE A 188 16.20 -3.14 -11.52
CA ILE A 188 15.79 -2.10 -12.46
C ILE A 188 15.77 -2.73 -13.85
N ASP A 189 14.82 -2.32 -14.70
CA ASP A 189 14.74 -2.87 -16.05
C ASP A 189 15.42 -1.96 -17.08
N ASP A 190 15.06 -2.13 -18.36
CA ASP A 190 15.72 -1.41 -19.46
C ASP A 190 15.52 0.12 -19.48
N ASP A 191 14.54 0.63 -18.74
CA ASP A 191 14.34 2.08 -18.61
C ASP A 191 14.42 2.46 -17.13
N ASN A 192 14.46 3.75 -16.81
CA ASN A 192 14.56 4.21 -15.41
C ASN A 192 13.42 5.09 -14.89
N PRO A 193 12.16 4.73 -15.16
CA PRO A 193 11.11 5.60 -14.63
C PRO A 193 11.02 5.45 -13.11
N PRO A 194 10.48 6.47 -12.40
CA PRO A 194 10.31 6.34 -10.96
C PRO A 194 9.57 5.05 -10.63
N VAL A 195 9.95 4.37 -9.57
CA VAL A 195 9.20 3.20 -9.10
C VAL A 195 8.27 3.70 -8.02
N SER A 196 6.97 3.48 -8.22
CA SER A 196 5.95 4.12 -7.43
C SER A 196 5.33 3.20 -6.39
N PHE A 197 5.61 1.90 -6.50
CA PHE A 197 5.07 0.93 -5.55
C PHE A 197 5.81 -0.38 -5.65
N VAL A 198 5.91 -1.10 -4.53
CA VAL A 198 6.48 -2.43 -4.57
C VAL A 198 5.93 -3.29 -3.44
N LYS A 199 5.85 -4.60 -3.65
CA LYS A 199 5.50 -5.52 -2.57
C LYS A 199 5.85 -6.97 -2.93
N PHE A 200 6.22 -7.77 -1.93
CA PHE A 200 6.45 -9.19 -2.13
C PHE A 200 5.14 -9.92 -2.42
N SER A 201 5.21 -11.01 -3.18
CA SER A 201 4.06 -11.87 -3.42
C SER A 201 3.78 -12.69 -2.16
N PRO A 202 2.56 -13.24 -2.05
CA PRO A 202 2.15 -14.11 -0.93
C PRO A 202 3.14 -15.21 -0.57
N ASN A 203 3.72 -15.91 -1.54
CA ASN A 203 4.68 -16.98 -1.24
C ASN A 203 6.10 -16.46 -1.09
N GLY A 204 6.29 -15.15 -1.27
CA GLY A 204 7.57 -14.51 -1.05
C GLY A 204 8.55 -14.66 -2.19
N LYS A 205 8.14 -15.33 -3.26
CA LYS A 205 9.03 -15.61 -4.38
C LYS A 205 9.20 -14.41 -5.31
N TYR A 206 8.16 -13.60 -5.42
CA TYR A 206 8.13 -12.54 -6.40
C TYR A 206 8.00 -11.17 -5.78
N ILE A 207 8.24 -10.16 -6.61
CA ILE A 207 8.10 -8.78 -6.22
C ILE A 207 7.26 -8.11 -7.31
N LEU A 208 6.14 -7.53 -6.91
CA LEU A 208 5.29 -6.78 -7.82
C LEU A 208 5.68 -5.33 -7.71
N ALA A 209 6.08 -4.72 -8.82
CA ALA A 209 6.52 -3.33 -8.82
C ALA A 209 5.75 -2.49 -9.85
N ALA A 210 5.35 -1.29 -9.45
CA ALA A 210 4.71 -0.35 -10.35
C ALA A 210 5.70 0.73 -10.71
N THR A 211 5.68 1.17 -11.96
CA THR A 211 6.55 2.27 -12.39
C THR A 211 5.70 3.33 -13.09
N LEU A 212 6.17 4.57 -13.08
CA LEU A 212 5.38 5.68 -13.60
C LEU A 212 5.46 5.79 -15.12
N ASP A 213 5.53 4.64 -15.77
CA ASP A 213 5.44 4.59 -17.23
C ASP A 213 4.29 3.65 -17.61
N ASN A 214 3.24 3.67 -16.80
CA ASN A 214 2.02 2.90 -17.04
C ASN A 214 2.23 1.40 -17.02
N THR A 215 3.09 0.94 -16.11
CA THR A 215 3.49 -0.46 -16.13
C THR A 215 3.54 -1.10 -14.74
N LEU A 216 3.00 -2.31 -14.64
CA LEU A 216 3.27 -3.16 -13.48
C LEU A 216 4.14 -4.33 -13.94
N LYS A 217 5.06 -4.76 -13.08
CA LYS A 217 5.92 -5.91 -13.41
C LYS A 217 6.04 -6.88 -12.25
N LEU A 218 6.01 -8.17 -12.57
CA LEU A 218 6.26 -9.22 -11.59
C LEU A 218 7.71 -9.66 -11.75
N TRP A 219 8.48 -9.53 -10.66
CA TRP A 219 9.89 -9.88 -10.67
C TRP A 219 10.14 -11.18 -9.92
N ASP A 220 10.98 -12.03 -10.48
CA ASP A 220 11.53 -13.13 -9.70
C ASP A 220 12.65 -12.50 -8.88
N TYR A 221 12.50 -12.49 -7.57
CA TYR A 221 13.48 -11.82 -6.74
C TYR A 221 14.82 -12.56 -6.77
N SER A 222 14.80 -13.87 -6.58
CA SER A 222 16.04 -14.65 -6.57
C SER A 222 16.83 -14.55 -7.88
N LYS A 223 16.15 -14.72 -9.01
CA LYS A 223 16.81 -14.63 -10.31
C LYS A 223 17.12 -13.18 -10.68
N GLY A 224 16.44 -12.24 -10.02
CA GLY A 224 16.62 -10.83 -10.35
C GLY A 224 16.18 -10.47 -11.75
N LYS A 225 15.06 -11.03 -12.19
CA LYS A 225 14.59 -10.74 -13.54
C LYS A 225 13.08 -10.54 -13.64
N CYS A 226 12.67 -9.70 -14.58
CA CYS A 226 11.27 -9.43 -14.79
C CYS A 226 10.65 -10.62 -15.50
N LEU A 227 9.55 -11.14 -14.96
CA LEU A 227 8.89 -12.32 -15.53
C LEU A 227 7.67 -11.93 -16.35
N LYS A 228 6.88 -11.02 -15.79
CA LYS A 228 5.61 -10.62 -16.39
C LYS A 228 5.43 -9.12 -16.31
N THR A 229 4.84 -8.53 -17.34
CA THR A 229 4.43 -7.14 -17.28
C THR A 229 2.93 -7.04 -17.48
N TYR A 230 2.32 -6.11 -16.77
CA TYR A 230 0.89 -5.87 -16.88
C TYR A 230 0.68 -4.44 -17.32
N THR A 231 0.02 -4.27 -18.46
CA THR A 231 -0.21 -2.94 -19.01
C THR A 231 -1.66 -2.78 -19.42
N GLY A 232 -2.02 -1.54 -19.79
CA GLY A 232 -3.39 -1.23 -20.20
C GLY A 232 -4.02 -0.12 -19.38
N HIS A 233 -3.46 0.13 -18.19
CA HIS A 233 -3.93 1.19 -17.31
C HIS A 233 -3.10 2.45 -17.45
N LYS A 234 -3.49 3.49 -16.71
CA LYS A 234 -2.78 4.76 -16.78
C LYS A 234 -2.15 5.06 -15.45
N ASN A 235 -0.82 5.15 -15.42
CA ASN A 235 -0.11 5.48 -14.19
C ASN A 235 1.18 6.22 -14.47
N GLU A 236 1.12 7.55 -14.55
CA GLU A 236 2.31 8.35 -14.82
C GLU A 236 2.64 9.35 -13.71
N LYS A 237 1.80 9.43 -12.69
CA LYS A 237 1.91 10.55 -11.76
C LYS A 237 1.80 10.19 -10.27
N TYR A 238 0.87 9.31 -9.93
CA TYR A 238 0.61 9.02 -8.51
C TYR A 238 1.15 7.67 -8.08
N CYS A 239 1.43 7.56 -6.78
CA CYS A 239 1.91 6.29 -6.25
C CYS A 239 0.73 5.39 -5.92
N ILE A 240 0.29 4.65 -6.94
CA ILE A 240 -0.87 3.79 -6.84
C ILE A 240 -0.50 2.39 -6.33
N PHE A 241 -1.25 1.88 -5.35
CA PHE A 241 -1.01 0.55 -4.81
C PHE A 241 -1.37 -0.51 -5.83
N ALA A 242 -0.81 -1.71 -5.69
CA ALA A 242 -1.27 -2.86 -6.47
C ALA A 242 -1.36 -4.06 -5.55
N ASN A 243 -2.19 -5.04 -5.91
CA ASN A 243 -2.47 -6.18 -5.05
C ASN A 243 -2.37 -7.51 -5.79
N PHE A 244 -2.11 -8.57 -5.02
CA PHE A 244 -2.33 -9.93 -5.50
C PHE A 244 -3.68 -10.37 -4.96
N SER A 245 -4.62 -10.72 -5.84
CA SER A 245 -5.92 -11.25 -5.43
C SER A 245 -5.84 -12.78 -5.43
N VAL A 246 -6.11 -13.41 -4.30
CA VAL A 246 -5.89 -14.84 -4.15
C VAL A 246 -7.08 -15.66 -3.63
N THR A 247 -8.23 -15.01 -3.45
CA THR A 247 -9.39 -15.69 -2.88
C THR A 247 -10.17 -16.52 -3.89
N GLY A 248 -10.14 -16.09 -5.15
CA GLY A 248 -10.78 -16.82 -6.22
C GLY A 248 -9.78 -17.08 -7.32
N GLY A 249 -9.99 -16.45 -8.47
CA GLY A 249 -8.99 -16.48 -9.52
C GLY A 249 -7.75 -15.77 -9.02
N LYS A 250 -6.60 -16.05 -9.64
CA LYS A 250 -5.36 -15.39 -9.25
C LYS A 250 -5.13 -14.15 -10.12
N TRP A 251 -5.46 -12.99 -9.56
CA TRP A 251 -5.42 -11.74 -10.33
C TRP A 251 -4.37 -10.76 -9.81
N ILE A 252 -4.09 -9.75 -10.63
CA ILE A 252 -3.35 -8.57 -10.20
C ILE A 252 -4.37 -7.43 -10.23
N VAL A 253 -4.41 -6.62 -9.17
CA VAL A 253 -5.39 -5.54 -9.07
C VAL A 253 -4.69 -4.20 -8.87
N SER A 254 -5.15 -3.16 -9.56
CA SER A 254 -4.55 -1.85 -9.41
C SER A 254 -5.51 -0.72 -9.78
N GLY A 255 -5.36 0.42 -9.12
CA GLY A 255 -6.09 1.59 -9.53
C GLY A 255 -5.40 2.20 -10.73
N SER A 256 -5.99 3.26 -11.25
CA SER A 256 -5.50 3.86 -12.47
C SER A 256 -5.85 5.34 -12.51
N GLU A 257 -5.11 6.10 -13.31
CA GLU A 257 -5.34 7.54 -13.42
C GLU A 257 -6.45 7.89 -14.40
N ASP A 258 -7.11 6.88 -14.96
CA ASP A 258 -8.34 7.08 -15.73
C ASP A 258 -9.61 6.82 -14.89
N ASN A 259 -9.44 6.81 -13.57
CA ASN A 259 -10.51 6.62 -12.58
C ASN A 259 -11.08 5.21 -12.49
N LEU A 260 -10.36 4.23 -13.02
CA LEU A 260 -10.83 2.85 -13.03
C LEU A 260 -9.99 1.92 -12.16
N VAL A 261 -10.60 0.82 -11.74
CA VAL A 261 -9.84 -0.29 -11.16
C VAL A 261 -9.58 -1.32 -12.26
N TYR A 262 -8.32 -1.74 -12.39
CA TYR A 262 -7.97 -2.75 -13.38
C TYR A 262 -7.65 -4.09 -12.72
N ILE A 263 -8.16 -5.16 -13.33
CA ILE A 263 -7.90 -6.51 -12.87
C ILE A 263 -7.32 -7.33 -14.02
N TRP A 264 -6.12 -7.88 -13.81
CA TRP A 264 -5.45 -8.73 -14.80
C TRP A 264 -5.37 -10.17 -14.33
N ASN A 265 -5.34 -11.10 -15.27
CA ASN A 265 -4.98 -12.47 -14.96
C ASN A 265 -3.47 -12.49 -14.72
N LEU A 266 -3.06 -12.94 -13.53
CA LEU A 266 -1.64 -12.89 -13.13
C LEU A 266 -0.77 -13.66 -14.12
N GLN A 267 -1.22 -14.86 -14.47
CA GLN A 267 -0.43 -15.71 -15.35
C GLN A 267 -0.43 -15.25 -16.80
N THR A 268 -1.60 -14.91 -17.34
CA THR A 268 -1.69 -14.58 -18.77
C THR A 268 -1.46 -13.11 -19.09
N LYS A 269 -1.56 -12.27 -18.06
CA LYS A 269 -1.38 -10.82 -18.19
C LYS A 269 -2.52 -10.11 -18.94
N GLU A 270 -3.58 -10.85 -19.25
CA GLU A 270 -4.76 -10.27 -19.90
C GLU A 270 -5.54 -9.48 -18.88
N ILE A 271 -6.06 -8.33 -19.31
CA ILE A 271 -7.07 -7.63 -18.52
C ILE A 271 -8.34 -8.47 -18.52
N VAL A 272 -8.91 -8.68 -17.33
CA VAL A 272 -10.11 -9.52 -17.23
C VAL A 272 -11.33 -8.74 -16.75
N GLN A 273 -11.09 -7.60 -16.11
CA GLN A 273 -12.18 -6.71 -15.73
C GLN A 273 -11.69 -5.29 -15.44
N LYS A 274 -12.57 -4.32 -15.67
CA LYS A 274 -12.32 -2.95 -15.26
C LYS A 274 -13.53 -2.43 -14.52
N LEU A 275 -13.29 -1.81 -13.36
CA LEU A 275 -14.38 -1.38 -12.51
C LEU A 275 -14.58 0.13 -12.60
N GLN A 276 -15.79 0.55 -13.00
CA GLN A 276 -16.08 1.96 -13.23
C GLN A 276 -16.99 2.51 -12.14
N GLY A 277 -16.79 3.77 -11.77
CA GLY A 277 -17.62 4.40 -10.77
C GLY A 277 -16.97 5.59 -10.11
N HIS A 278 -15.66 5.52 -9.89
CA HIS A 278 -14.96 6.64 -9.24
C HIS A 278 -14.89 7.84 -10.18
N THR A 279 -14.75 9.03 -9.60
CA THR A 279 -14.72 10.24 -10.40
C THR A 279 -13.35 10.93 -10.34
N ASP A 280 -12.38 10.25 -9.72
CA ASP A 280 -11.00 10.74 -9.71
C ASP A 280 -10.07 9.55 -9.70
N VAL A 281 -8.76 9.81 -9.73
CA VAL A 281 -7.76 8.76 -9.76
C VAL A 281 -8.03 7.75 -8.64
N VAL A 282 -8.02 6.47 -8.99
CA VAL A 282 -8.05 5.44 -7.96
C VAL A 282 -6.62 5.26 -7.46
N ILE A 283 -6.37 5.75 -6.25
CA ILE A 283 -5.03 5.77 -5.69
C ILE A 283 -4.68 4.44 -5.01
N SER A 284 -5.69 3.69 -4.60
CA SER A 284 -5.44 2.57 -3.71
C SER A 284 -6.52 1.50 -3.82
N THR A 285 -6.09 0.25 -3.80
CA THR A 285 -7.03 -0.87 -3.80
C THR A 285 -6.55 -1.87 -2.75
N ALA A 286 -7.46 -2.72 -2.26
CA ALA A 286 -7.09 -3.76 -1.31
C ALA A 286 -7.96 -4.98 -1.57
N CYS A 287 -7.42 -6.16 -1.34
CA CYS A 287 -8.17 -7.39 -1.58
C CYS A 287 -8.48 -8.08 -0.26
N HIS A 288 -9.75 -8.36 0.00
CA HIS A 288 -10.17 -9.02 1.25
C HIS A 288 -9.46 -10.37 1.40
N PRO A 289 -9.09 -10.75 2.62
CA PRO A 289 -8.26 -11.95 2.76
C PRO A 289 -8.99 -13.27 2.57
N THR A 290 -10.31 -13.31 2.66
CA THR A 290 -11.03 -14.58 2.48
C THR A 290 -12.19 -14.53 1.50
N GLU A 291 -12.79 -13.35 1.33
CA GLU A 291 -13.89 -13.17 0.40
C GLU A 291 -13.40 -12.50 -0.87
N ASN A 292 -14.11 -12.72 -1.98
CA ASN A 292 -13.78 -12.01 -3.21
C ASN A 292 -14.31 -10.59 -3.14
N ILE A 293 -13.62 -9.75 -2.38
CA ILE A 293 -14.04 -8.37 -2.19
C ILE A 293 -12.86 -7.46 -2.44
N ILE A 294 -13.08 -6.41 -3.23
CA ILE A 294 -12.07 -5.38 -3.48
C ILE A 294 -12.54 -4.04 -2.90
N ALA A 295 -11.65 -3.35 -2.21
CA ALA A 295 -11.90 -1.99 -1.79
C ALA A 295 -11.08 -1.09 -2.69
N SER A 296 -11.66 0.02 -3.13
CA SER A 296 -10.95 1.00 -3.95
C SER A 296 -11.15 2.37 -3.35
N ALA A 297 -10.13 3.22 -3.45
CA ALA A 297 -10.27 4.57 -2.93
C ALA A 297 -9.74 5.60 -3.93
N ALA A 298 -10.36 6.77 -3.95
CA ALA A 298 -10.04 7.77 -4.96
C ALA A 298 -9.63 9.12 -4.39
N LEU A 299 -8.97 9.94 -5.21
CA LEU A 299 -8.43 11.22 -4.78
C LEU A 299 -9.47 12.34 -4.58
N GLU A 300 -9.01 13.60 -4.60
CA GLU A 300 -9.76 14.74 -4.06
C GLU A 300 -11.12 15.07 -4.69
N ASN A 301 -11.26 14.87 -6.01
CA ASN A 301 -12.53 15.17 -6.66
C ASN A 301 -13.60 14.14 -6.35
N ASP A 302 -13.19 13.03 -5.73
CA ASP A 302 -14.10 11.90 -5.47
C ASP A 302 -14.34 11.73 -3.97
N LYS A 303 -13.26 11.51 -3.22
CA LYS A 303 -13.28 11.37 -1.77
C LYS A 303 -13.93 10.12 -1.22
N THR A 304 -14.35 9.19 -2.08
CA THR A 304 -15.03 7.99 -1.58
C THR A 304 -14.22 6.71 -1.68
N ILE A 305 -14.69 5.71 -0.93
CA ILE A 305 -14.18 4.36 -0.99
C ILE A 305 -15.32 3.49 -1.53
N LYS A 306 -15.00 2.53 -2.40
CA LYS A 306 -16.03 1.63 -2.90
C LYS A 306 -15.69 0.18 -2.60
N LEU A 307 -16.72 -0.59 -2.27
CA LEU A 307 -16.55 -2.02 -2.07
C LEU A 307 -17.20 -2.80 -3.21
N TRP A 308 -16.41 -3.65 -3.86
CA TRP A 308 -16.90 -4.45 -4.96
C TRP A 308 -16.82 -5.92 -4.54
N LYS A 309 -17.80 -6.72 -4.97
CA LYS A 309 -17.86 -8.13 -4.60
C LYS A 309 -18.08 -8.98 -5.85
N SER A 310 -17.41 -10.13 -5.91
CA SER A 310 -17.51 -11.00 -7.06
C SER A 310 -17.93 -12.42 -6.70
N ASP A 311 -18.63 -13.06 -7.63
CA ASP A 311 -18.76 -14.51 -7.63
C ASP A 311 -17.78 -14.99 -8.71
N CYS A 312 -16.52 -15.08 -8.31
CA CYS A 312 -15.35 -15.11 -9.21
C CYS A 312 -15.29 -16.23 -10.26
N GLY B 5 -3.13 17.80 0.57
CA GLY B 5 -3.19 17.50 2.00
C GLY B 5 -2.15 16.48 2.43
N CYS B 6 -1.73 15.60 1.50
CA CYS B 6 -0.67 14.65 1.81
C CYS B 6 0.16 14.36 0.57
N ALA B 7 1.39 13.88 0.78
CA ALA B 7 2.30 13.65 -0.33
C ALA B 7 1.74 12.70 -1.38
N ARG B 8 1.07 11.63 -0.95
CA ARG B 8 0.56 10.67 -1.92
C ARG B 8 -0.54 11.22 -2.83
N SER B 9 -1.46 12.01 -2.27
CA SER B 9 -2.56 12.56 -3.06
C SER B 9 -2.09 13.73 -3.92
N GLU B 10 -0.92 14.26 -3.60
CA GLU B 10 -0.34 15.34 -4.40
C GLU B 10 0.32 14.79 -5.65
N GLY B 11 0.91 13.60 -5.53
CA GLY B 11 1.60 12.97 -6.62
C GLY B 11 2.79 13.78 -7.12
#